data_3CHB
#
_entry.id   3CHB
#
_cell.length_a   102.124
_cell.length_b   66.176
_cell.length_c   78.221
_cell.angle_alpha   90.00
_cell.angle_beta   106.33
_cell.angle_gamma   90.00
#
_symmetry.space_group_name_H-M   'C 1 2 1'
#
loop_
_entity.id
_entity.type
_entity.pdbx_description
1 polymer 'CHOLERA TOXIN'
2 branched 'beta-D-galactopyranose-(1-3)-2-acetamido-2-deoxy-beta-D-galactopyranose-(1-4)-[N-acetyl-alpha-neuraminic acid-(2-3)]beta-D-galactopyranose-(1-4)-alpha-D-glucopyranose'
3 branched 'beta-D-galactopyranose-(1-3)-2-acetamido-2-deoxy-beta-D-galactopyranose-(1-4)-[N-acetyl-alpha-neuraminic acid-(2-3)]beta-D-galactopyranose-(1-4)-beta-D-glucopyranose'
4 non-polymer 'UNKNOWN ATOM OR ION'
5 non-polymer '2-(N-MORPHOLINO)-ETHANESULFONIC ACID'
6 water water
#
_entity_poly.entity_id   1
_entity_poly.type   'polypeptide(L)'
_entity_poly.pdbx_seq_one_letter_code
;MTPQNITDLCAEYHNTQIHTLNDKIFSYTESLAGKREMAIITFKNGATFQVEVPGSQHIDSQKKAIERMKDTLRIAYLTE
AKVEKLCVWNNKTPRAIAAISMAN
;
_entity_poly.pdbx_strand_id   D,E,F,G,H
#
loop_
_chem_comp.id
_chem_comp.type
_chem_comp.name
_chem_comp.formula
BGC D-saccharide, beta linking beta-D-glucopyranose 'C6 H12 O6'
GAL D-saccharide, beta linking beta-D-galactopyranose 'C6 H12 O6'
GLC D-saccharide, alpha linking alpha-D-glucopyranose 'C6 H12 O6'
MES non-polymer '2-(N-MORPHOLINO)-ETHANESULFONIC ACID' 'C6 H13 N O4 S'
NGA D-saccharide, beta linking 2-acetamido-2-deoxy-beta-D-galactopyranose 'C8 H15 N O6'
SIA D-saccharide, alpha linking 'N-acetyl-alpha-neuraminic acid' 'C11 H19 N O9'
UNX non-polymer 'UNKNOWN ATOM OR ION' ?
#
# COMPACT_ATOMS: atom_id res chain seq x y z
N THR A 2 17.92 14.00 -18.39
CA THR A 2 16.65 13.51 -17.88
C THR A 2 15.51 14.41 -18.30
N PRO A 3 14.38 13.91 -18.73
CA PRO A 3 13.27 14.74 -19.17
C PRO A 3 12.54 15.40 -17.99
N GLN A 4 11.87 16.49 -18.32
CA GLN A 4 11.16 17.26 -17.30
C GLN A 4 9.66 17.09 -17.33
N ASN A 5 9.16 16.37 -18.31
CA ASN A 5 7.72 16.15 -18.44
C ASN A 5 7.48 14.89 -19.28
N ILE A 6 6.23 14.45 -19.27
CA ILE A 6 5.88 13.18 -19.92
C ILE A 6 6.04 13.22 -21.43
N THR A 7 5.80 14.39 -22.03
CA THR A 7 5.88 14.50 -23.49
C THR A 7 7.31 14.28 -23.95
N ASP A 8 8.24 14.94 -23.26
CA ASP A 8 9.66 14.80 -23.63
C ASP A 8 10.16 13.41 -23.31
N LEU A 9 9.70 12.84 -22.19
CA LEU A 9 10.10 11.46 -21.86
C LEU A 9 9.66 10.50 -22.95
N CYS A 10 8.41 10.61 -23.39
CA CYS A 10 7.79 9.78 -24.41
C CYS A 10 8.63 9.82 -25.68
N ALA A 11 9.09 11.00 -26.01
CA ALA A 11 9.85 11.21 -27.25
C ALA A 11 11.23 10.56 -27.24
N GLU A 12 11.70 10.07 -26.10
CA GLU A 12 12.96 9.36 -25.99
C GLU A 12 12.88 7.89 -26.43
N TYR A 13 11.69 7.42 -26.76
CA TYR A 13 11.44 6.03 -27.12
C TYR A 13 10.92 5.91 -28.55
N HIS A 14 11.25 4.83 -29.23
CA HIS A 14 10.78 4.55 -30.58
C HIS A 14 9.32 4.09 -30.58
N ASN A 15 8.57 4.59 -31.56
CA ASN A 15 7.20 4.20 -31.84
C ASN A 15 6.27 4.26 -30.62
N THR A 16 6.41 5.40 -29.94
CA THR A 16 5.48 5.81 -28.92
C THR A 16 4.64 6.97 -29.39
N GLN A 17 3.56 7.25 -28.66
CA GLN A 17 2.84 8.51 -28.82
C GLN A 17 2.20 8.90 -27.49
N ILE A 18 1.91 10.18 -27.40
CA ILE A 18 1.12 10.74 -26.31
C ILE A 18 -0.34 10.76 -26.71
N HIS A 19 -1.20 10.31 -25.82
CA HIS A 19 -2.64 10.54 -25.87
C HIS A 19 -2.99 11.50 -24.74
N THR A 20 -3.75 12.53 -25.05
CA THR A 20 -4.25 13.46 -24.04
C THR A 20 -5.67 13.08 -23.66
N LEU A 21 -5.88 12.69 -22.41
CA LEU A 21 -7.19 12.24 -21.97
C LEU A 21 -7.91 13.38 -21.25
N ASN A 22 -7.21 14.02 -20.28
CA ASN A 22 -7.80 14.99 -19.36
C ASN A 22 -9.17 14.51 -18.87
N ASP A 23 -9.17 13.27 -18.36
CA ASP A 23 -10.41 12.67 -17.89
C ASP A 23 -10.06 11.58 -16.85
N LYS A 24 -11.05 11.24 -16.02
CA LYS A 24 -10.88 10.11 -15.12
C LYS A 24 -10.97 8.81 -15.89
N ILE A 25 -10.47 7.76 -15.29
CA ILE A 25 -10.57 6.42 -15.84
C ILE A 25 -12.01 5.93 -15.72
N PHE A 26 -12.53 5.37 -16.80
CA PHE A 26 -13.87 4.84 -16.84
C PHE A 26 -13.99 3.41 -16.27
N SER A 27 -13.03 2.57 -16.58
CA SER A 27 -13.02 1.21 -16.00
C SER A 27 -11.58 0.77 -15.76
N TYR A 28 -11.47 -0.12 -14.77
CA TYR A 28 -10.21 -0.70 -14.34
C TYR A 28 -10.41 -2.21 -14.29
N THR A 29 -9.56 -2.95 -14.94
CA THR A 29 -9.58 -4.40 -14.99
C THR A 29 -8.23 -4.96 -14.61
N GLU A 30 -8.22 -6.01 -13.78
CA GLU A 30 -6.93 -6.67 -13.50
C GLU A 30 -7.19 -8.17 -13.42
N SER A 31 -6.13 -8.89 -13.82
CA SER A 31 -6.15 -10.32 -13.95
C SER A 31 -4.97 -10.96 -13.24
N LEU A 32 -5.24 -12.08 -12.55
CA LEU A 32 -4.18 -12.92 -11.96
C LEU A 32 -4.01 -14.20 -12.79
N ALA A 33 -4.76 -14.40 -13.86
CA ALA A 33 -4.72 -15.60 -14.65
C ALA A 33 -3.33 -15.80 -15.27
N GLY A 34 -2.85 -17.05 -15.26
CA GLY A 34 -1.49 -17.30 -15.69
C GLY A 34 -1.22 -16.90 -17.15
N LYS A 35 -0.13 -16.17 -17.36
CA LYS A 35 0.24 -15.57 -18.62
C LYS A 35 -0.60 -14.34 -18.99
N ARG A 36 -1.54 -13.92 -18.17
CA ARG A 36 -2.33 -12.70 -18.37
C ARG A 36 -2.34 -11.87 -17.09
N GLU A 37 -1.22 -11.79 -16.41
CA GLU A 37 -1.10 -11.00 -15.19
C GLU A 37 -0.88 -9.54 -15.58
N MET A 38 -1.99 -8.85 -15.75
CA MET A 38 -2.01 -7.56 -16.46
C MET A 38 -3.16 -6.72 -15.90
N ALA A 39 -3.12 -5.42 -16.29
CA ALA A 39 -4.19 -4.51 -16.01
C ALA A 39 -4.60 -3.84 -17.34
N ILE A 40 -5.87 -3.52 -17.42
CA ILE A 40 -6.48 -2.85 -18.56
C ILE A 40 -7.32 -1.69 -18.04
N ILE A 41 -7.14 -0.49 -18.60
CA ILE A 41 -8.00 0.64 -18.30
C ILE A 41 -8.70 1.14 -19.57
N THR A 42 -9.89 1.69 -19.35
CA THR A 42 -10.58 2.35 -20.45
C THR A 42 -11.05 3.75 -20.01
N PHE A 43 -11.29 4.56 -20.99
CA PHE A 43 -11.90 5.86 -20.84
C PHE A 43 -13.27 5.83 -21.52
N LYS A 44 -14.07 6.83 -21.20
CA LYS A 44 -15.45 6.84 -21.62
C LYS A 44 -15.57 6.83 -23.15
N ASN A 45 -14.65 7.42 -23.87
CA ASN A 45 -14.58 7.40 -25.34
C ASN A 45 -14.27 5.99 -25.84
N GLY A 46 -14.04 4.96 -25.04
CA GLY A 46 -13.66 3.65 -25.54
C GLY A 46 -12.18 3.36 -25.58
N ALA A 47 -11.37 4.41 -25.42
CA ALA A 47 -9.92 4.25 -25.49
C ALA A 47 -9.45 3.23 -24.44
N THR A 48 -8.66 2.29 -24.85
CA THR A 48 -8.24 1.15 -24.05
C THR A 48 -6.73 1.02 -24.01
N PHE A 49 -6.17 0.82 -22.80
CA PHE A 49 -4.74 0.75 -22.63
C PHE A 49 -4.39 -0.36 -21.65
N GLN A 50 -3.24 -0.99 -21.81
CA GLN A 50 -2.81 -2.03 -20.89
C GLN A 50 -1.52 -1.66 -20.16
N VAL A 51 -1.32 -2.25 -18.99
CA VAL A 51 0.01 -2.48 -18.44
C VAL A 51 0.38 -3.92 -18.83
N GLU A 52 1.44 -4.10 -19.60
CA GLU A 52 1.80 -5.39 -20.16
C GLU A 52 2.16 -6.39 -19.06
N VAL A 53 1.91 -7.64 -19.44
CA VAL A 53 2.42 -8.77 -18.68
C VAL A 53 3.93 -8.64 -18.66
N PRO A 54 4.61 -8.73 -17.52
CA PRO A 54 6.07 -8.66 -17.55
C PRO A 54 6.69 -9.76 -18.37
N GLY A 55 7.72 -9.63 -19.13
CA GLY A 55 8.42 -10.39 -20.05
C GLY A 55 9.78 -9.87 -20.46
N SER A 56 10.37 -10.53 -21.43
CA SER A 56 11.76 -10.29 -21.76
C SER A 56 12.00 -8.97 -22.45
N GLN A 57 10.97 -8.25 -22.76
CA GLN A 57 10.80 -6.98 -23.42
C GLN A 57 11.05 -5.93 -22.32
N HIS A 58 11.07 -6.39 -21.08
CA HIS A 58 11.32 -5.55 -19.93
C HIS A 58 12.68 -5.84 -19.30
N ILE A 59 13.46 -4.79 -19.00
CA ILE A 59 14.70 -4.99 -18.23
C ILE A 59 14.40 -5.07 -16.75
N ASP A 60 15.35 -5.57 -15.93
CA ASP A 60 15.02 -5.83 -14.51
C ASP A 60 14.48 -4.62 -13.78
N SER A 61 15.05 -3.44 -14.06
CA SER A 61 14.68 -2.20 -13.41
C SER A 61 13.23 -1.83 -13.66
N GLN A 62 12.66 -2.32 -14.75
CA GLN A 62 11.27 -2.01 -15.03
C GLN A 62 10.29 -2.86 -14.24
N LYS A 63 10.71 -4.01 -13.71
CA LYS A 63 9.74 -4.87 -13.04
C LYS A 63 9.07 -4.18 -11.88
N LYS A 64 9.77 -3.48 -10.99
CA LYS A 64 9.14 -2.81 -9.85
C LYS A 64 8.23 -1.70 -10.35
N ALA A 65 8.66 -1.04 -11.44
CA ALA A 65 7.91 0.07 -11.98
C ALA A 65 6.61 -0.39 -12.61
N ILE A 66 6.60 -1.59 -13.22
CA ILE A 66 5.33 -2.14 -13.71
C ILE A 66 4.34 -2.34 -12.58
N GLU A 67 4.85 -2.90 -11.46
CA GLU A 67 3.96 -3.12 -10.31
C GLU A 67 3.45 -1.77 -9.81
N ARG A 68 4.33 -0.77 -9.70
CA ARG A 68 3.89 0.55 -9.24
C ARG A 68 2.82 1.14 -10.17
N MET A 69 3.01 0.97 -11.50
CA MET A 69 2.04 1.53 -12.42
C MET A 69 0.64 0.95 -12.20
N LYS A 70 0.56 -0.35 -11.96
CA LYS A 70 -0.75 -0.94 -11.68
C LYS A 70 -1.32 -0.41 -10.39
N ASP A 71 -0.51 -0.17 -9.37
CA ASP A 71 -0.95 0.46 -8.13
C ASP A 71 -1.50 1.85 -8.46
N THR A 72 -0.78 2.61 -9.28
CA THR A 72 -1.20 3.96 -9.61
C THR A 72 -2.53 3.99 -10.34
N LEU A 73 -2.70 3.12 -11.32
CA LEU A 73 -3.94 3.08 -12.08
C LEU A 73 -5.10 2.72 -11.20
N ARG A 74 -4.92 1.77 -10.30
CA ARG A 74 -6.03 1.35 -9.43
C ARG A 74 -6.48 2.48 -8.54
N ILE A 75 -5.49 3.18 -7.91
CA ILE A 75 -5.91 4.25 -6.98
C ILE A 75 -6.41 5.47 -7.77
N ALA A 76 -5.82 5.74 -8.95
CA ALA A 76 -6.37 6.81 -9.79
C ALA A 76 -7.84 6.54 -10.12
N TYR A 77 -8.11 5.27 -10.49
CA TYR A 77 -9.47 4.92 -10.81
C TYR A 77 -10.38 5.14 -9.61
N LEU A 78 -10.01 4.64 -8.46
CA LEU A 78 -10.89 4.63 -7.28
C LEU A 78 -11.14 6.04 -6.78
N THR A 79 -10.17 6.92 -6.94
CA THR A 79 -10.31 8.31 -6.49
C THR A 79 -10.84 9.26 -7.57
N GLU A 80 -11.12 8.73 -8.76
CA GLU A 80 -11.60 9.53 -9.86
C GLU A 80 -10.60 10.64 -10.25
N ALA A 81 -9.31 10.36 -10.08
CA ALA A 81 -8.28 11.31 -10.44
C ALA A 81 -8.24 11.56 -11.95
N LYS A 82 -8.10 12.83 -12.33
CA LYS A 82 -7.99 13.15 -13.74
C LYS A 82 -6.63 12.69 -14.26
N VAL A 83 -6.66 11.90 -15.31
CA VAL A 83 -5.47 11.53 -16.05
C VAL A 83 -5.29 12.60 -17.13
N GLU A 84 -4.13 13.23 -17.15
CA GLU A 84 -3.78 14.21 -18.14
C GLU A 84 -3.34 13.52 -19.44
N LYS A 85 -2.19 12.86 -19.43
CA LYS A 85 -1.68 12.15 -20.63
C LYS A 85 -1.22 10.77 -20.27
N LEU A 86 -1.25 9.94 -21.33
CA LEU A 86 -0.55 8.66 -21.33
C LEU A 86 0.45 8.64 -22.46
N CYS A 87 1.66 8.13 -22.20
CA CYS A 87 2.64 7.78 -23.17
C CYS A 87 2.48 6.28 -23.43
N VAL A 88 2.29 5.89 -24.68
CA VAL A 88 2.06 4.47 -25.00
C VAL A 88 2.95 4.03 -26.15
N TRP A 89 3.21 2.74 -26.17
CA TRP A 89 3.79 2.05 -27.30
C TRP A 89 2.73 1.64 -28.32
N ASN A 90 2.94 2.05 -29.58
CA ASN A 90 2.00 1.76 -30.66
C ASN A 90 2.01 0.34 -31.15
N ASN A 91 3.05 -0.40 -30.84
CA ASN A 91 3.23 -1.71 -31.43
C ASN A 91 2.62 -2.82 -30.56
N LYS A 92 1.74 -2.47 -29.63
CA LYS A 92 0.97 -3.41 -28.81
C LYS A 92 -0.51 -3.06 -28.89
N THR A 93 -1.33 -4.10 -28.73
CA THR A 93 -2.74 -3.97 -28.70
C THR A 93 -3.28 -4.72 -27.47
N PRO A 94 -3.96 -4.13 -26.49
CA PRO A 94 -4.13 -2.68 -26.34
C PRO A 94 -2.79 -1.91 -26.24
N ARG A 95 -2.85 -0.67 -26.66
CA ARG A 95 -1.67 0.18 -26.54
C ARG A 95 -1.10 0.08 -25.14
N ALA A 96 0.22 -0.03 -25.04
CA ALA A 96 0.89 -0.36 -23.80
C ALA A 96 1.40 0.91 -23.11
N ILE A 97 1.05 1.05 -21.84
CA ILE A 97 1.43 2.24 -21.10
C ILE A 97 2.92 2.24 -20.72
N ALA A 98 3.58 3.34 -21.06
CA ALA A 98 4.93 3.66 -20.70
C ALA A 98 4.98 4.65 -19.53
N ALA A 99 4.09 5.62 -19.48
CA ALA A 99 4.09 6.66 -18.47
C ALA A 99 2.71 7.29 -18.39
N ILE A 100 2.45 7.86 -17.22
CA ILE A 100 1.18 8.55 -16.99
C ILE A 100 1.49 9.89 -16.34
N SER A 101 0.68 10.89 -16.64
CA SER A 101 0.65 12.16 -15.91
C SER A 101 -0.75 12.41 -15.41
N MET A 102 -0.82 13.00 -14.24
CA MET A 102 -2.07 13.38 -13.60
C MET A 102 -1.96 14.87 -13.19
N ALA A 103 -3.01 15.61 -13.50
CA ALA A 103 -3.14 17.00 -13.14
C ALA A 103 -4.63 17.30 -12.99
N ASN A 104 -5.03 18.18 -12.09
CA ASN A 104 -6.29 18.77 -11.83
C ASN A 104 -7.07 19.18 -13.06
N THR B 2 21.83 12.78 14.50
CA THR B 2 20.57 12.58 13.78
C THR B 2 19.82 13.91 13.86
N PRO B 3 19.40 14.42 12.71
CA PRO B 3 18.71 15.69 12.68
C PRO B 3 17.28 15.60 13.17
N GLN B 4 16.73 16.76 13.55
CA GLN B 4 15.37 16.84 14.04
C GLN B 4 14.38 17.46 13.08
N ASN B 5 14.87 17.92 11.94
CA ASN B 5 13.97 18.53 10.97
C ASN B 5 14.63 18.52 9.60
N ILE B 6 13.82 18.82 8.56
CA ILE B 6 14.29 18.68 7.20
C ILE B 6 15.38 19.66 6.82
N THR B 7 15.35 20.83 7.44
CA THR B 7 16.41 21.81 7.15
C THR B 7 17.76 21.39 7.66
N ASP B 8 17.78 20.91 8.90
CA ASP B 8 19.04 20.42 9.40
C ASP B 8 19.49 19.13 8.71
N LEU B 9 18.58 18.26 8.28
CA LEU B 9 18.93 17.04 7.55
C LEU B 9 19.59 17.48 6.24
N CYS B 10 18.98 18.45 5.56
CA CYS B 10 19.48 18.87 4.26
C CYS B 10 20.89 19.40 4.35
N ALA B 11 21.15 20.08 5.47
CA ALA B 11 22.47 20.64 5.68
C ALA B 11 23.56 19.60 5.96
N GLU B 12 23.25 18.33 6.13
CA GLU B 12 24.27 17.30 6.33
C GLU B 12 24.82 16.77 5.03
N TYR B 13 24.37 17.30 3.91
CA TYR B 13 24.74 16.89 2.58
C TYR B 13 25.31 18.04 1.81
N HIS B 14 26.25 17.73 0.92
CA HIS B 14 26.69 18.68 -0.10
C HIS B 14 25.73 18.71 -1.28
N ASN B 15 25.72 19.80 -2.03
CA ASN B 15 24.92 20.01 -3.23
C ASN B 15 23.42 19.92 -2.99
N THR B 16 22.96 20.35 -1.82
CA THR B 16 21.55 20.36 -1.53
C THR B 16 21.08 21.75 -1.15
N GLN B 17 19.75 21.95 -1.33
CA GLN B 17 19.14 23.18 -0.88
C GLN B 17 17.69 22.86 -0.54
N ILE B 18 17.14 23.66 0.36
CA ILE B 18 15.72 23.67 0.68
C ILE B 18 14.91 24.59 -0.21
N HIS B 19 13.80 24.07 -0.73
CA HIS B 19 12.80 24.91 -1.38
C HIS B 19 11.55 24.84 -0.48
N THR B 20 10.99 25.99 -0.20
CA THR B 20 9.77 26.12 0.57
C THR B 20 8.60 26.28 -0.38
N LEU B 21 7.74 25.26 -0.39
CA LEU B 21 6.58 25.29 -1.28
C LEU B 21 5.32 25.78 -0.55
N ASN B 22 5.02 25.21 0.60
CA ASN B 22 3.75 25.41 1.30
C ASN B 22 2.59 25.38 0.33
N ASP B 23 2.53 24.32 -0.46
CA ASP B 23 1.48 24.19 -1.49
C ASP B 23 1.31 22.70 -1.80
N LYS B 24 0.15 22.37 -2.32
CA LYS B 24 -0.10 21.03 -2.85
C LYS B 24 0.63 20.83 -4.17
N ILE B 25 0.81 19.57 -4.52
CA ILE B 25 1.42 19.21 -5.81
C ILE B 25 0.44 19.46 -6.94
N PHE B 26 0.92 20.10 -8.00
CA PHE B 26 0.12 20.42 -9.18
C PHE B 26 -0.01 19.27 -10.16
N SER B 27 1.06 18.52 -10.38
CA SER B 27 0.97 17.35 -11.24
C SER B 27 1.96 16.27 -10.75
N TYR B 28 1.60 15.04 -11.08
CA TYR B 28 2.32 13.84 -10.71
C TYR B 28 2.51 13.03 -12.01
N THR B 29 3.74 12.68 -12.38
CA THR B 29 4.06 11.88 -13.53
C THR B 29 4.91 10.68 -13.09
N GLU B 30 4.59 9.51 -13.65
CA GLU B 30 5.47 8.40 -13.37
C GLU B 30 5.60 7.55 -14.66
N SER B 31 6.78 6.96 -14.79
CA SER B 31 7.22 6.19 -15.91
C SER B 31 7.75 4.83 -15.55
N LEU B 32 7.37 3.82 -16.35
CA LEU B 32 7.96 2.48 -16.23
C LEU B 32 8.91 2.20 -17.38
N ALA B 33 9.14 3.12 -18.27
CA ALA B 33 9.99 2.97 -19.43
C ALA B 33 11.44 2.72 -19.00
N GLY B 34 12.06 1.79 -19.75
CA GLY B 34 13.39 1.37 -19.35
C GLY B 34 14.40 2.51 -19.32
N LYS B 35 15.13 2.58 -18.21
CA LYS B 35 16.12 3.59 -17.91
C LYS B 35 15.49 4.93 -17.54
N ARG B 36 14.18 5.02 -17.46
CA ARG B 36 13.45 6.20 -17.04
C ARG B 36 12.35 5.81 -16.03
N GLU B 37 12.70 4.88 -15.12
CA GLU B 37 11.79 4.44 -14.07
C GLU B 37 11.87 5.44 -12.92
N MET B 38 11.04 6.47 -13.03
CA MET B 38 11.16 7.69 -12.25
C MET B 38 9.78 8.31 -12.04
N ALA B 39 9.76 9.29 -11.13
CA ALA B 39 8.60 10.14 -10.95
C ALA B 39 9.03 11.59 -11.06
N ILE B 40 8.13 12.41 -11.55
CA ILE B 40 8.30 13.85 -11.66
C ILE B 40 7.05 14.52 -11.08
N ILE B 41 7.29 15.53 -10.23
CA ILE B 41 6.19 16.37 -9.70
C ILE B 41 6.43 17.79 -10.11
N THR B 42 5.34 18.53 -10.26
CA THR B 42 5.41 19.97 -10.45
C THR B 42 4.47 20.66 -9.47
N PHE B 43 4.77 21.94 -9.28
CA PHE B 43 3.93 22.84 -8.51
C PHE B 43 3.40 23.92 -9.47
N LYS B 44 2.36 24.60 -9.02
CA LYS B 44 1.73 25.58 -9.86
C LYS B 44 2.73 26.72 -10.14
N ASN B 45 3.71 27.02 -9.32
CA ASN B 45 4.76 28.01 -9.58
C ASN B 45 5.67 27.48 -10.71
N GLY B 46 5.49 26.28 -11.25
CA GLY B 46 6.28 25.74 -12.35
C GLY B 46 7.44 24.86 -11.96
N ALA B 47 7.71 24.92 -10.65
CA ALA B 47 8.84 24.20 -10.12
C ALA B 47 8.65 22.71 -10.38
N THR B 48 9.71 22.08 -10.88
CA THR B 48 9.72 20.68 -11.27
C THR B 48 10.79 19.92 -10.52
N PHE B 49 10.45 18.74 -9.99
CA PHE B 49 11.36 17.93 -9.21
C PHE B 49 11.22 16.47 -9.63
N GLN B 50 12.30 15.72 -9.56
CA GLN B 50 12.26 14.30 -9.81
C GLN B 50 12.61 13.48 -8.57
N VAL B 51 12.13 12.23 -8.58
CA VAL B 51 12.74 11.14 -7.85
C VAL B 51 13.60 10.40 -8.86
N GLU B 52 14.91 10.41 -8.64
CA GLU B 52 15.87 9.85 -9.56
C GLU B 52 15.60 8.37 -9.85
N VAL B 53 15.92 8.00 -11.06
CA VAL B 53 16.06 6.57 -11.42
C VAL B 53 17.08 5.94 -10.47
N PRO B 54 16.83 4.79 -9.86
CA PRO B 54 17.84 4.17 -9.01
C PRO B 54 19.05 3.86 -9.85
N GLY B 55 20.25 4.06 -9.50
CA GLY B 55 21.54 3.91 -9.99
C GLY B 55 22.69 3.77 -9.02
N SER B 56 23.85 3.84 -9.67
CA SER B 56 25.15 3.65 -9.08
C SER B 56 25.48 4.57 -7.94
N GLN B 57 24.88 5.73 -7.85
CA GLN B 57 24.95 6.86 -6.98
C GLN B 57 24.26 6.54 -5.66
N HIS B 58 23.34 5.56 -5.70
CA HIS B 58 22.60 5.18 -4.51
C HIS B 58 23.18 3.98 -3.77
N ILE B 59 23.21 4.09 -2.44
CA ILE B 59 23.65 2.95 -1.64
C ILE B 59 22.47 2.00 -1.45
N ASP B 60 22.72 0.75 -1.12
CA ASP B 60 21.65 -0.24 -1.06
C ASP B 60 20.50 0.18 -0.14
N SER B 61 20.82 0.80 1.00
CA SER B 61 19.80 1.28 1.95
C SER B 61 18.87 2.33 1.39
N GLN B 62 19.26 3.00 0.32
CA GLN B 62 18.35 3.98 -0.31
C GLN B 62 17.32 3.34 -1.22
N LYS B 63 17.49 2.08 -1.64
CA LYS B 63 16.56 1.51 -2.63
C LYS B 63 15.12 1.49 -2.12
N LYS B 64 14.87 0.99 -0.92
CA LYS B 64 13.53 1.01 -0.35
C LYS B 64 13.01 2.41 -0.15
N ALA B 65 13.90 3.35 0.19
CA ALA B 65 13.49 4.72 0.48
C ALA B 65 13.09 5.45 -0.79
N ILE B 66 13.75 5.15 -1.89
CA ILE B 66 13.34 5.74 -3.17
C ILE B 66 11.92 5.29 -3.51
N GLU B 67 11.64 4.00 -3.33
CA GLU B 67 10.30 3.52 -3.64
C GLU B 67 9.28 4.17 -2.71
N ARG B 68 9.60 4.27 -1.42
CA ARG B 68 8.68 4.91 -0.50
C ARG B 68 8.39 6.36 -0.91
N MET B 69 9.44 7.07 -1.32
CA MET B 69 9.24 8.47 -1.69
C MET B 69 8.25 8.64 -2.84
N LYS B 70 8.36 7.75 -3.83
CA LYS B 70 7.40 7.84 -4.93
C LYS B 70 6.00 7.50 -4.40
N ASP B 71 5.88 6.56 -3.45
CA ASP B 71 4.59 6.29 -2.84
C ASP B 71 4.07 7.54 -2.14
N THR B 72 4.94 8.22 -1.42
CA THR B 72 4.52 9.43 -0.67
C THR B 72 4.06 10.53 -1.61
N LEU B 73 4.78 10.77 -2.69
CA LEU B 73 4.41 11.84 -3.64
C LEU B 73 3.08 11.55 -4.28
N ARG B 74 2.83 10.29 -4.64
CA ARG B 74 1.57 9.96 -5.26
C ARG B 74 0.40 10.20 -4.33
N ILE B 75 0.50 9.70 -3.08
CA ILE B 75 -0.63 9.90 -2.20
C ILE B 75 -0.73 11.36 -1.76
N ALA B 76 0.36 12.08 -1.59
CA ALA B 76 0.28 13.52 -1.31
C ALA B 76 -0.45 14.21 -2.45
N TYR B 77 -0.10 13.88 -3.69
CA TYR B 77 -0.78 14.46 -4.83
C TYR B 77 -2.29 14.20 -4.78
N LEU B 78 -2.65 12.93 -4.62
CA LEU B 78 -4.07 12.56 -4.68
C LEU B 78 -4.89 13.12 -3.56
N THR B 79 -4.29 13.35 -2.39
CA THR B 79 -5.02 13.88 -1.24
C THR B 79 -4.88 15.39 -1.13
N GLU B 80 -4.19 16.02 -2.07
CA GLU B 80 -3.97 17.47 -2.08
C GLU B 80 -3.27 17.93 -0.80
N ALA B 81 -2.39 17.09 -0.27
CA ALA B 81 -1.65 17.44 0.94
C ALA B 81 -0.66 18.56 0.69
N LYS B 82 -0.64 19.53 1.61
CA LYS B 82 0.34 20.60 1.48
C LYS B 82 1.76 20.09 1.72
N VAL B 83 2.62 20.35 0.78
CA VAL B 83 4.04 20.10 0.93
C VAL B 83 4.64 21.38 1.52
N GLU B 84 5.34 21.23 2.65
CA GLU B 84 6.01 22.35 3.30
C GLU B 84 7.34 22.63 2.57
N LYS B 85 8.31 21.73 2.71
CA LYS B 85 9.62 21.90 2.09
C LYS B 85 10.03 20.66 1.35
N LEU B 86 10.88 20.87 0.36
CA LEU B 86 11.68 19.81 -0.27
C LEU B 86 13.15 20.11 -0.05
N CYS B 87 13.93 19.11 0.30
CA CYS B 87 15.38 19.14 0.25
C CYS B 87 15.73 18.49 -1.08
N VAL B 88 16.49 19.20 -1.90
CA VAL B 88 16.81 18.68 -3.21
C VAL B 88 18.29 18.77 -3.52
N TRP B 89 18.77 17.88 -4.38
CA TRP B 89 20.13 17.99 -4.93
C TRP B 89 20.10 18.91 -6.15
N ASN B 90 21.02 19.88 -6.12
CA ASN B 90 21.02 20.91 -7.16
C ASN B 90 22.03 20.58 -8.23
N ASN B 91 22.65 19.41 -8.21
CA ASN B 91 23.55 18.97 -9.30
C ASN B 91 22.84 17.97 -10.20
N LYS B 92 21.52 18.00 -10.23
CA LYS B 92 20.70 17.23 -11.16
C LYS B 92 19.60 18.12 -11.76
N THR B 93 19.18 17.80 -12.97
CA THR B 93 18.09 18.45 -13.65
C THR B 93 17.06 17.43 -14.14
N PRO B 94 15.79 17.44 -13.72
CA PRO B 94 15.22 18.28 -12.69
C PRO B 94 15.89 18.09 -11.31
N ARG B 95 15.81 19.07 -10.46
CA ARG B 95 16.33 18.95 -9.11
C ARG B 95 15.76 17.66 -8.53
N ALA B 96 16.62 16.90 -7.86
CA ALA B 96 16.31 15.57 -7.35
C ALA B 96 15.96 15.62 -5.87
N ILE B 97 14.81 15.03 -5.52
CA ILE B 97 14.33 15.04 -4.14
C ILE B 97 15.13 14.11 -3.23
N ALA B 98 15.63 14.69 -2.15
CA ALA B 98 16.26 14.00 -1.05
C ALA B 98 15.31 13.78 0.13
N ALA B 99 14.47 14.75 0.41
CA ALA B 99 13.58 14.69 1.57
C ALA B 99 12.38 15.61 1.31
N ILE B 100 11.29 15.28 1.99
CA ILE B 100 10.03 16.04 1.95
C ILE B 100 9.51 16.26 3.37
N SER B 101 8.94 17.43 3.59
CA SER B 101 8.19 17.66 4.82
C SER B 101 6.76 18.07 4.45
N MET B 102 5.79 17.61 5.21
CA MET B 102 4.40 18.00 5.03
C MET B 102 3.89 18.55 6.35
N ALA B 103 3.17 19.65 6.31
CA ALA B 103 2.52 20.28 7.42
C ALA B 103 1.35 21.09 6.87
N ASN B 104 0.36 21.25 7.72
CA ASN B 104 -0.75 22.16 7.43
C ASN B 104 -1.42 21.85 6.09
N THR C 2 2.83 -12.11 26.64
CA THR C 2 2.58 -11.18 25.56
C THR C 2 1.78 -10.01 26.07
N PRO C 3 2.22 -8.79 25.82
CA PRO C 3 1.52 -7.64 26.38
C PRO C 3 0.18 -7.43 25.71
N GLN C 4 -0.72 -6.80 26.41
CA GLN C 4 -2.06 -6.48 25.92
C GLN C 4 -2.33 -5.06 25.53
N ASN C 5 -1.36 -4.19 25.72
CA ASN C 5 -1.46 -2.79 25.44
C ASN C 5 -0.04 -2.22 25.34
N ILE C 6 -0.03 -1.02 24.79
CA ILE C 6 1.26 -0.37 24.47
C ILE C 6 2.04 -0.06 25.74
N THR C 7 1.36 0.25 26.84
CA THR C 7 2.07 0.58 28.10
C THR C 7 2.84 -0.61 28.62
N ASP C 8 2.18 -1.78 28.70
CA ASP C 8 2.87 -2.96 29.16
C ASP C 8 3.93 -3.41 28.20
N LEU C 9 3.68 -3.25 26.88
CA LEU C 9 4.71 -3.61 25.89
C LEU C 9 5.97 -2.79 26.15
N CYS C 10 5.72 -1.50 26.32
CA CYS C 10 6.87 -0.61 26.44
C CYS C 10 7.71 -0.97 27.65
N ALA C 11 7.06 -1.44 28.72
CA ALA C 11 7.81 -1.81 29.93
C ALA C 11 8.63 -3.09 29.83
N GLU C 12 8.53 -3.85 28.74
CA GLU C 12 9.40 -5.00 28.54
C GLU C 12 10.79 -4.62 28.03
N TYR C 13 11.00 -3.35 27.77
CA TYR C 13 12.26 -2.90 27.18
C TYR C 13 12.95 -1.93 28.14
N HIS C 14 14.27 -1.93 28.14
CA HIS C 14 15.04 -0.89 28.79
C HIS C 14 15.05 0.37 27.96
N ASN C 15 15.25 1.50 28.60
CA ASN C 15 15.56 2.72 27.86
C ASN C 15 14.35 3.10 27.03
N THR C 16 13.15 2.72 27.50
CA THR C 16 11.94 3.19 26.82
C THR C 16 11.04 3.95 27.78
N GLN C 17 10.20 4.80 27.23
CA GLN C 17 9.12 5.45 27.97
C GLN C 17 7.89 5.72 27.12
N ILE C 18 6.74 5.93 27.76
CA ILE C 18 5.46 6.22 27.13
C ILE C 18 5.27 7.74 27.11
N HIS C 19 4.92 8.26 25.94
CA HIS C 19 4.44 9.61 25.79
C HIS C 19 2.97 9.58 25.39
N THR C 20 2.18 10.29 26.17
CA THR C 20 0.75 10.40 25.85
C THR C 20 0.50 11.71 25.10
N LEU C 21 0.00 11.59 23.89
CA LEU C 21 -0.17 12.74 23.02
C LEU C 21 -1.64 13.10 22.85
N ASN C 22 -2.48 12.11 22.61
CA ASN C 22 -3.90 12.29 22.29
C ASN C 22 -4.12 13.45 21.34
N ASP C 23 -3.38 13.44 20.24
CA ASP C 23 -3.42 14.50 19.23
C ASP C 23 -3.00 13.91 17.88
N LYS C 24 -3.42 14.59 16.82
CA LYS C 24 -2.95 14.29 15.48
C LYS C 24 -1.51 14.78 15.31
N ILE C 25 -0.84 14.17 14.35
CA ILE C 25 0.49 14.53 13.94
C ILE C 25 0.46 15.90 13.24
N PHE C 26 1.35 16.77 13.70
CA PHE C 26 1.47 18.10 13.15
C PHE C 26 2.31 18.16 11.88
N SER C 27 3.37 17.36 11.79
CA SER C 27 4.16 17.36 10.55
C SER C 27 4.77 15.97 10.36
N TYR C 28 4.96 15.64 9.08
CA TYR C 28 5.54 14.37 8.69
C TYR C 28 6.70 14.70 7.75
N THR C 29 7.89 14.19 8.00
CA THR C 29 9.08 14.35 7.20
C THR C 29 9.67 12.97 6.90
N GLU C 30 10.05 12.79 5.65
CA GLU C 30 10.67 11.57 5.20
C GLU C 30 11.85 11.85 4.30
N SER C 31 12.92 11.06 4.42
CA SER C 31 14.17 11.20 3.70
C SER C 31 14.62 9.93 3.03
N LEU C 32 15.10 10.06 1.80
CA LEU C 32 15.75 8.96 1.11
C LEU C 32 17.27 9.17 1.06
N ALA C 33 17.79 10.24 1.61
CA ALA C 33 19.19 10.57 1.57
C ALA C 33 20.00 9.47 2.27
N GLY C 34 21.14 9.11 1.67
CA GLY C 34 21.90 7.96 2.16
C GLY C 34 22.37 8.20 3.58
N LYS C 35 22.17 7.20 4.42
CA LYS C 35 22.46 7.18 5.86
C LYS C 35 21.45 7.95 6.69
N ARG C 36 20.42 8.53 6.09
CA ARG C 36 19.32 9.24 6.74
C ARG C 36 17.99 8.80 6.13
N GLU C 37 17.87 7.49 5.90
CA GLU C 37 16.61 6.96 5.37
C GLU C 37 15.69 6.73 6.55
N MET C 38 14.92 7.77 6.86
CA MET C 38 14.22 7.90 8.12
C MET C 38 12.96 8.72 7.95
N ALA C 39 12.15 8.69 9.02
CA ALA C 39 10.98 9.55 9.10
C ALA C 39 11.07 10.28 10.42
N ILE C 40 10.54 11.50 10.42
CA ILE C 40 10.44 12.35 11.59
C ILE C 40 9.03 12.89 11.69
N ILE C 41 8.39 12.83 12.83
CA ILE C 41 7.09 13.44 13.07
C ILE C 41 7.22 14.45 14.20
N THR C 42 6.33 15.41 14.13
CA THR C 42 6.22 16.35 15.21
C THR C 42 4.75 16.56 15.61
N PHE C 43 4.57 17.01 16.83
CA PHE C 43 3.26 17.37 17.36
C PHE C 43 3.26 18.84 17.69
N LYS C 44 2.06 19.37 17.85
CA LYS C 44 1.96 20.82 18.01
C LYS C 44 2.56 21.27 19.34
N ASN C 45 2.72 20.39 20.30
CA ASN C 45 3.45 20.74 21.53
C ASN C 45 4.96 20.78 21.34
N GLY C 46 5.47 20.63 20.13
CA GLY C 46 6.84 20.65 19.69
C GLY C 46 7.56 19.33 19.78
N ALA C 47 6.89 18.34 20.40
CA ALA C 47 7.57 17.05 20.57
C ALA C 47 7.91 16.47 19.21
N THR C 48 9.10 15.93 19.09
CA THR C 48 9.66 15.41 17.85
C THR C 48 10.11 13.97 18.06
N PHE C 49 9.78 13.08 17.14
CA PHE C 49 10.14 11.67 17.24
C PHE C 49 10.63 11.17 15.89
N GLN C 50 11.52 10.19 15.88
CA GLN C 50 11.97 9.58 14.66
C GLN C 50 11.61 8.10 14.59
N VAL C 51 11.55 7.58 13.37
CA VAL C 51 11.77 6.18 13.11
C VAL C 51 13.22 6.05 12.64
N GLU C 52 13.98 5.30 13.42
CA GLU C 52 15.42 5.22 13.21
C GLU C 52 15.76 4.67 11.84
N VAL C 53 16.89 5.11 11.33
CA VAL C 53 17.52 4.50 10.17
C VAL C 53 17.81 3.04 10.54
N PRO C 54 17.43 2.11 9.68
CA PRO C 54 17.74 0.71 10.02
C PRO C 54 19.23 0.41 10.07
N GLY C 55 19.66 -0.42 10.97
CA GLY C 55 21.04 -0.63 11.44
C GLY C 55 21.21 -1.78 12.41
N SER C 56 22.38 -1.91 13.02
CA SER C 56 22.73 -3.16 13.69
C SER C 56 22.13 -3.24 15.06
N GLN C 57 21.53 -2.14 15.51
CA GLN C 57 20.75 -2.14 16.72
C GLN C 57 19.40 -2.86 16.50
N HIS C 58 19.16 -3.22 15.25
CA HIS C 58 17.90 -3.86 14.91
C HIS C 58 18.10 -5.30 14.47
N ILE C 59 17.28 -6.17 15.05
CA ILE C 59 17.31 -7.55 14.58
C ILE C 59 16.49 -7.65 13.31
N ASP C 60 16.70 -8.71 12.56
CA ASP C 60 16.15 -8.82 11.21
C ASP C 60 14.63 -8.71 11.18
N SER C 61 13.94 -9.26 12.19
CA SER C 61 12.48 -9.23 12.20
C SER C 61 11.94 -7.82 12.35
N GLN C 62 12.76 -6.88 12.82
CA GLN C 62 12.36 -5.50 12.98
C GLN C 62 12.38 -4.73 11.67
N LYS C 63 13.16 -5.18 10.69
CA LYS C 63 13.23 -4.40 9.45
C LYS C 63 11.87 -4.23 8.78
N LYS C 64 11.06 -5.26 8.58
CA LYS C 64 9.72 -5.10 8.00
C LYS C 64 8.84 -4.21 8.89
N ALA C 65 9.00 -4.35 10.19
CA ALA C 65 8.17 -3.54 11.10
C ALA C 65 8.57 -2.08 11.10
N ILE C 66 9.84 -1.75 10.87
CA ILE C 66 10.25 -0.36 10.68
C ILE C 66 9.61 0.20 9.42
N GLU C 67 9.57 -0.54 8.33
CA GLU C 67 8.90 -0.05 7.10
C GLU C 67 7.42 0.16 7.35
N ARG C 68 6.78 -0.80 8.06
CA ARG C 68 5.37 -0.63 8.36
C ARG C 68 5.10 0.61 9.19
N MET C 69 5.95 0.85 10.17
CA MET C 69 5.74 2.01 11.00
C MET C 69 5.76 3.30 10.22
N LYS C 70 6.69 3.43 9.27
CA LYS C 70 6.70 4.65 8.41
C LYS C 70 5.41 4.71 7.58
N ASP C 71 4.92 3.58 7.11
CA ASP C 71 3.64 3.58 6.40
C ASP C 71 2.53 4.09 7.32
N THR C 72 2.53 3.59 8.57
CA THR C 72 1.50 3.96 9.52
C THR C 72 1.52 5.44 9.83
N LEU C 73 2.73 5.99 10.05
CA LEU C 73 2.82 7.43 10.38
C LEU C 73 2.40 8.28 9.22
N ARG C 74 2.71 7.90 8.00
CA ARG C 74 2.32 8.69 6.83
C ARG C 74 0.80 8.74 6.71
N ILE C 75 0.17 7.57 6.79
CA ILE C 75 -1.29 7.58 6.63
C ILE C 75 -1.95 8.19 7.86
N ALA C 76 -1.43 8.02 9.07
CA ALA C 76 -2.01 8.68 10.22
C ALA C 76 -1.94 10.21 10.06
N TYR C 77 -0.81 10.72 9.58
CA TYR C 77 -0.68 12.14 9.30
C TYR C 77 -1.73 12.59 8.29
N LEU C 78 -1.85 11.89 7.17
CA LEU C 78 -2.68 12.34 6.06
C LEU C 78 -4.16 12.32 6.43
N THR C 79 -4.56 11.38 7.27
CA THR C 79 -5.92 11.23 7.71
C THR C 79 -6.26 12.00 9.00
N GLU C 80 -5.32 12.71 9.57
CA GLU C 80 -5.44 13.41 10.83
C GLU C 80 -5.89 12.50 11.96
N ALA C 81 -5.41 11.23 11.93
CA ALA C 81 -5.76 10.31 13.01
C ALA C 81 -5.17 10.73 14.34
N LYS C 82 -5.97 10.62 15.41
CA LYS C 82 -5.46 10.93 16.76
C LYS C 82 -4.49 9.85 17.20
N VAL C 83 -3.27 10.22 17.55
CA VAL C 83 -2.31 9.35 18.21
C VAL C 83 -2.59 9.40 19.71
N GLU C 84 -2.80 8.24 20.27
CA GLU C 84 -3.01 8.14 21.71
C GLU C 84 -1.64 8.18 22.40
N LYS C 85 -0.84 7.13 22.30
CA LYS C 85 0.47 7.06 22.90
C LYS C 85 1.56 6.66 21.92
N LEU C 86 2.78 7.07 22.20
CA LEU C 86 3.97 6.51 21.59
C LEU C 86 4.80 5.83 22.67
N CYS C 87 5.35 4.66 22.39
CA CYS C 87 6.44 4.07 23.20
C CYS C 87 7.74 4.45 22.50
N VAL C 88 8.67 5.10 23.20
CA VAL C 88 9.87 5.54 22.52
C VAL C 88 11.12 5.21 23.33
N TRP C 89 12.20 5.03 22.60
CA TRP C 89 13.51 4.89 23.26
C TRP C 89 14.05 6.30 23.55
N ASN C 90 14.47 6.47 24.79
CA ASN C 90 14.97 7.72 25.34
C ASN C 90 16.48 7.85 25.26
N ASN C 91 17.18 6.90 24.64
CA ASN C 91 18.63 6.95 24.53
C ASN C 91 18.97 7.34 23.10
N LYS C 92 18.02 8.02 22.44
CA LYS C 92 18.21 8.42 21.05
C LYS C 92 17.66 9.84 20.93
N THR C 93 18.23 10.64 20.06
CA THR C 93 17.77 12.00 19.86
C THR C 93 17.53 12.26 18.38
N PRO C 94 16.35 12.55 17.85
CA PRO C 94 15.08 12.58 18.55
C PRO C 94 14.70 11.19 19.12
N ARG C 95 13.81 11.21 20.12
CA ARG C 95 13.42 9.94 20.72
C ARG C 95 12.88 9.04 19.61
N ALA C 96 13.20 7.76 19.65
CA ALA C 96 12.95 6.81 18.58
C ALA C 96 11.70 5.99 18.87
N ILE C 97 10.78 5.90 17.90
CA ILE C 97 9.53 5.22 18.10
C ILE C 97 9.72 3.71 18.12
N ALA C 98 9.18 3.08 19.16
CA ALA C 98 9.11 1.63 19.33
C ALA C 98 7.71 1.13 19.02
N ALA C 99 6.67 1.91 19.38
CA ALA C 99 5.30 1.48 19.22
C ALA C 99 4.39 2.71 19.20
N ILE C 100 3.23 2.54 18.55
CA ILE C 100 2.22 3.57 18.48
C ILE C 100 0.86 2.98 18.82
N SER C 101 -0.01 3.75 19.46
CA SER C 101 -1.41 3.41 19.67
C SER C 101 -2.24 4.61 19.18
N MET C 102 -3.32 4.26 18.52
CA MET C 102 -4.33 5.15 18.02
C MET C 102 -5.69 4.80 18.58
N ALA C 103 -6.39 5.79 19.09
CA ALA C 103 -7.71 5.70 19.61
C ALA C 103 -8.33 7.12 19.48
N ASN C 104 -9.61 7.15 19.24
CA ASN C 104 -10.52 8.29 19.31
C ASN C 104 -10.22 9.29 18.19
N THR D 2 -12.73 -26.39 0.66
CA THR D 2 -12.44 -24.97 0.99
C THR D 2 -13.68 -24.36 1.57
N PRO D 3 -13.55 -23.60 2.66
CA PRO D 3 -14.73 -23.06 3.32
C PRO D 3 -15.34 -21.88 2.55
N GLN D 4 -16.64 -21.70 2.76
CA GLN D 4 -17.40 -20.65 2.12
C GLN D 4 -17.47 -19.36 2.94
N ASN D 5 -17.13 -19.40 4.21
CA ASN D 5 -17.29 -18.27 5.10
C ASN D 5 -16.38 -18.43 6.31
N ILE D 6 -16.25 -17.33 7.05
CA ILE D 6 -15.32 -17.34 8.20
C ILE D 6 -15.68 -18.32 9.27
N THR D 7 -16.96 -18.56 9.52
CA THR D 7 -17.35 -19.49 10.55
C THR D 7 -16.90 -20.91 10.20
N ASP D 8 -17.14 -21.31 8.94
CA ASP D 8 -16.74 -22.63 8.52
C ASP D 8 -15.23 -22.78 8.51
N LEU D 9 -14.52 -21.71 8.13
CA LEU D 9 -13.07 -21.70 8.13
C LEU D 9 -12.56 -21.94 9.53
N CYS D 10 -13.10 -21.21 10.48
CA CYS D 10 -12.67 -21.26 11.86
C CYS D 10 -12.81 -22.66 12.44
N ALA D 11 -13.87 -23.35 12.02
CA ALA D 11 -14.13 -24.67 12.50
C ALA D 11 -13.19 -25.72 11.96
N GLU D 12 -12.34 -25.37 11.02
CA GLU D 12 -11.33 -26.27 10.49
C GLU D 12 -10.06 -26.34 11.35
N TYR D 13 -10.01 -25.61 12.43
CA TYR D 13 -8.84 -25.50 13.30
C TYR D 13 -9.19 -25.82 14.75
N HIS D 14 -8.26 -26.36 15.49
CA HIS D 14 -8.38 -26.51 16.93
C HIS D 14 -8.11 -25.18 17.62
N ASN D 15 -8.63 -25.03 18.83
CA ASN D 15 -8.35 -23.90 19.68
C ASN D 15 -8.84 -22.59 19.06
N THR D 16 -9.94 -22.62 18.33
CA THR D 16 -10.50 -21.39 17.82
C THR D 16 -11.91 -21.08 18.26
N GLN D 17 -12.31 -19.84 18.08
CA GLN D 17 -13.69 -19.41 18.32
C GLN D 17 -13.99 -18.17 17.48
N ILE D 18 -15.27 -18.04 17.16
CA ILE D 18 -15.75 -16.84 16.48
C ILE D 18 -16.22 -15.83 17.54
N HIS D 19 -15.82 -14.58 17.34
CA HIS D 19 -16.39 -13.44 18.02
C HIS D 19 -17.23 -12.66 17.00
N THR D 20 -18.50 -12.45 17.29
CA THR D 20 -19.32 -11.58 16.46
C THR D 20 -19.37 -10.17 17.03
N LEU D 21 -18.69 -9.29 16.38
CA LEU D 21 -18.52 -7.94 16.89
C LEU D 21 -19.50 -6.94 16.30
N ASN D 22 -19.67 -6.95 14.98
CA ASN D 22 -20.49 -5.95 14.29
C ASN D 22 -20.21 -4.54 14.79
N ASP D 23 -18.96 -4.18 14.79
CA ASP D 23 -18.52 -2.87 15.30
C ASP D 23 -17.18 -2.49 14.69
N LYS D 24 -16.91 -1.19 14.63
CA LYS D 24 -15.59 -0.72 14.23
C LYS D 24 -14.57 -0.98 15.31
N ILE D 25 -13.31 -0.93 14.94
CA ILE D 25 -12.23 -1.10 15.86
C ILE D 25 -12.09 0.16 16.69
N PHE D 26 -11.94 0.00 18.01
CA PHE D 26 -11.80 1.10 18.94
C PHE D 26 -10.37 1.61 19.04
N SER D 27 -9.41 0.71 19.04
CA SER D 27 -8.03 1.18 19.08
C SER D 27 -7.14 0.22 18.29
N TYR D 28 -6.06 0.79 17.75
CA TYR D 28 -5.08 0.10 16.94
C TYR D 28 -3.69 0.41 17.51
N THR D 29 -2.92 -0.63 17.83
CA THR D 29 -1.57 -0.52 18.34
C THR D 29 -0.63 -1.37 17.48
N GLU D 30 0.53 -0.83 17.13
CA GLU D 30 1.55 -1.67 16.48
C GLU D 30 2.91 -1.31 17.04
N SER D 31 3.76 -2.32 17.01
CA SER D 31 5.11 -2.24 17.57
C SER D 31 6.14 -2.77 16.58
N LEU D 32 7.29 -2.08 16.54
CA LEU D 32 8.46 -2.54 15.80
C LEU D 32 9.54 -3.05 16.74
N ALA D 33 9.32 -3.02 18.04
CA ALA D 33 10.30 -3.44 19.03
C ALA D 33 10.66 -4.92 18.85
N GLY D 34 11.93 -5.25 19.00
CA GLY D 34 12.44 -6.56 18.65
C GLY D 34 11.82 -7.64 19.50
N LYS D 35 11.38 -8.69 18.80
CA LYS D 35 10.65 -9.80 19.38
C LYS D 35 9.23 -9.47 19.77
N ARG D 36 8.76 -8.24 19.52
CA ARG D 36 7.40 -7.83 19.75
C ARG D 36 6.88 -7.10 18.50
N GLU D 37 7.18 -7.62 17.32
CA GLU D 37 6.71 -7.03 16.06
C GLU D 37 5.31 -7.56 15.82
N MET D 38 4.34 -6.78 16.30
CA MET D 38 2.98 -7.25 16.44
C MET D 38 2.00 -6.08 16.41
N ALA D 39 0.73 -6.45 16.26
CA ALA D 39 -0.36 -5.49 16.35
C ALA D 39 -1.36 -5.97 17.38
N ILE D 40 -2.08 -5.04 18.00
CA ILE D 40 -3.09 -5.26 19.00
C ILE D 40 -4.26 -4.33 18.67
N ILE D 41 -5.45 -4.88 18.65
CA ILE D 41 -6.67 -4.09 18.50
C ILE D 41 -7.55 -4.31 19.72
N THR D 42 -8.38 -3.30 19.98
CA THR D 42 -9.44 -3.43 20.93
C THR D 42 -10.74 -2.92 20.33
N PHE D 43 -11.85 -3.40 20.90
CA PHE D 43 -13.20 -2.95 20.62
C PHE D 43 -13.76 -2.21 21.85
N LYS D 44 -14.82 -1.42 21.63
CA LYS D 44 -15.44 -0.66 22.69
C LYS D 44 -15.92 -1.57 23.85
N ASN D 45 -16.30 -2.80 23.59
CA ASN D 45 -16.74 -3.71 24.66
C ASN D 45 -15.52 -4.18 25.43
N GLY D 46 -14.27 -3.81 25.15
CA GLY D 46 -13.07 -4.22 25.86
C GLY D 46 -12.32 -5.39 25.26
N ALA D 47 -13.00 -6.12 24.37
CA ALA D 47 -12.38 -7.25 23.74
C ALA D 47 -11.09 -6.87 23.03
N THR D 48 -10.03 -7.61 23.31
CA THR D 48 -8.67 -7.35 22.84
C THR D 48 -8.10 -8.49 22.03
N PHE D 49 -7.44 -8.24 20.93
CA PHE D 49 -6.93 -9.25 20.02
C PHE D 49 -5.55 -8.83 19.53
N GLN D 50 -4.72 -9.81 19.23
CA GLN D 50 -3.41 -9.58 18.66
C GLN D 50 -3.29 -10.22 17.27
N VAL D 51 -2.37 -9.69 16.48
CA VAL D 51 -1.70 -10.43 15.41
C VAL D 51 -0.36 -10.84 15.99
N GLU D 52 -0.17 -12.15 16.09
CA GLU D 52 1.02 -12.68 16.73
C GLU D 52 2.32 -12.30 16.00
N VAL D 53 3.38 -12.19 16.78
CA VAL D 53 4.74 -12.10 16.26
C VAL D 53 5.01 -13.29 15.38
N PRO D 54 5.49 -13.11 14.15
CA PRO D 54 5.78 -14.31 13.36
C PRO D 54 6.86 -15.15 14.02
N GLY D 55 6.80 -16.42 14.13
CA GLY D 55 7.53 -17.44 14.76
C GLY D 55 7.31 -18.86 14.29
N SER D 56 7.81 -19.77 15.13
CA SER D 56 7.88 -21.18 14.89
C SER D 56 6.47 -21.79 14.82
N GLN D 57 5.43 -21.11 15.29
CA GLN D 57 4.06 -21.59 15.22
C GLN D 57 3.48 -21.35 13.81
N HIS D 58 4.22 -20.65 12.97
CA HIS D 58 3.74 -20.29 11.63
C HIS D 58 4.51 -21.02 10.55
N ILE D 59 3.81 -21.39 9.51
CA ILE D 59 4.45 -21.97 8.34
C ILE D 59 4.72 -20.88 7.34
N ASP D 60 5.63 -21.11 6.37
CA ASP D 60 6.08 -20.02 5.50
C ASP D 60 4.95 -19.38 4.74
N SER D 61 3.96 -20.16 4.33
CA SER D 61 2.82 -19.57 3.58
C SER D 61 2.03 -18.60 4.40
N GLN D 62 2.17 -18.55 5.71
CA GLN D 62 1.48 -17.58 6.53
C GLN D 62 2.18 -16.24 6.61
N LYS D 63 3.45 -16.17 6.29
CA LYS D 63 4.19 -14.92 6.54
C LYS D 63 3.60 -13.71 5.82
N LYS D 64 3.28 -13.85 4.52
CA LYS D 64 2.69 -12.74 3.78
C LYS D 64 1.30 -12.42 4.33
N ALA D 65 0.57 -13.44 4.78
CA ALA D 65 -0.82 -13.25 5.28
C ALA D 65 -0.81 -12.51 6.62
N ILE D 66 0.19 -12.79 7.43
CA ILE D 66 0.31 -12.04 8.69
C ILE D 66 0.53 -10.57 8.39
N GLU D 67 1.42 -10.24 7.47
CA GLU D 67 1.64 -8.85 7.12
C GLU D 67 0.37 -8.21 6.54
N ARG D 68 -0.31 -8.94 5.68
CA ARG D 68 -1.56 -8.45 5.09
C ARG D 68 -2.60 -8.15 6.16
N MET D 69 -2.71 -9.03 7.18
CA MET D 69 -3.68 -8.83 8.25
C MET D 69 -3.45 -7.54 9.01
N LYS D 70 -2.18 -7.25 9.32
CA LYS D 70 -1.85 -6.00 9.97
C LYS D 70 -2.22 -4.80 9.08
N ASP D 71 -1.98 -4.92 7.77
CA ASP D 71 -2.42 -3.88 6.86
C ASP D 71 -3.95 -3.70 6.93
N THR D 72 -4.64 -4.82 6.89
CA THR D 72 -6.11 -4.77 6.93
C THR D 72 -6.63 -4.11 8.18
N LEU D 73 -6.07 -4.50 9.34
CA LEU D 73 -6.57 -3.93 10.59
C LEU D 73 -6.31 -2.41 10.65
N ARG D 74 -5.16 -1.99 10.17
CA ARG D 74 -4.85 -0.53 10.19
C ARG D 74 -5.83 0.23 9.35
N ILE D 75 -6.07 -0.25 8.12
CA ILE D 75 -6.98 0.53 7.27
C ILE D 75 -8.42 0.42 7.72
N ALA D 76 -8.81 -0.76 8.24
CA ALA D 76 -10.15 -0.84 8.84
C ALA D 76 -10.31 0.15 9.97
N TYR D 77 -9.33 0.22 10.86
CA TYR D 77 -9.35 1.17 11.96
C TYR D 77 -9.53 2.60 11.44
N LEU D 78 -8.68 3.01 10.51
CA LEU D 78 -8.62 4.39 10.05
C LEU D 78 -9.88 4.78 9.28
N THR D 79 -10.55 3.83 8.62
CA THR D 79 -11.76 4.08 7.87
C THR D 79 -13.05 3.80 8.65
N GLU D 80 -12.92 3.37 9.89
CA GLU D 80 -14.06 3.03 10.75
C GLU D 80 -14.93 1.93 10.14
N ALA D 81 -14.28 1.00 9.43
CA ALA D 81 -15.01 -0.11 8.85
C ALA D 81 -15.53 -1.06 9.92
N LYS D 82 -16.81 -1.42 9.75
CA LYS D 82 -17.39 -2.41 10.68
C LYS D 82 -16.79 -3.77 10.49
N VAL D 83 -16.30 -4.32 11.60
CA VAL D 83 -15.88 -5.71 11.64
C VAL D 83 -17.06 -6.57 12.01
N GLU D 84 -17.32 -7.54 11.16
CA GLU D 84 -18.43 -8.46 11.43
C GLU D 84 -18.00 -9.50 12.45
N LYS D 85 -17.10 -10.40 12.04
CA LYS D 85 -16.55 -11.46 12.91
C LYS D 85 -15.05 -11.51 12.90
N LEU D 86 -14.50 -12.01 14.00
CA LEU D 86 -13.13 -12.47 14.04
C LEU D 86 -13.09 -13.95 14.39
N CYS D 87 -12.25 -14.68 13.71
CA CYS D 87 -11.87 -16.03 14.12
C CYS D 87 -10.55 -15.90 14.85
N VAL D 88 -10.54 -16.38 16.10
CA VAL D 88 -9.34 -16.22 16.91
C VAL D 88 -8.92 -17.58 17.51
N TRP D 89 -7.61 -17.65 17.74
CA TRP D 89 -7.09 -18.74 18.58
C TRP D 89 -7.23 -18.33 20.05
N ASN D 90 -7.87 -19.21 20.82
CA ASN D 90 -8.15 -18.89 22.21
C ASN D 90 -7.17 -19.56 23.16
N ASN D 91 -6.11 -20.13 22.63
CA ASN D 91 -4.99 -20.66 23.43
C ASN D 91 -3.85 -19.66 23.50
N LYS D 92 -4.15 -18.39 23.29
CA LYS D 92 -3.21 -17.27 23.39
C LYS D 92 -3.86 -16.10 24.10
N THR D 93 -3.04 -15.31 24.79
CA THR D 93 -3.45 -14.08 25.42
C THR D 93 -2.57 -12.92 24.97
N PRO D 94 -3.02 -11.86 24.32
CA PRO D 94 -4.38 -11.71 23.81
C PRO D 94 -4.78 -12.80 22.78
N ARG D 95 -6.05 -13.02 22.69
CA ARG D 95 -6.56 -13.94 21.68
C ARG D 95 -6.00 -13.55 20.34
N ALA D 96 -5.60 -14.50 19.55
CA ALA D 96 -4.80 -14.30 18.33
C ALA D 96 -5.65 -14.38 17.09
N ILE D 97 -5.61 -13.37 16.24
CA ILE D 97 -6.47 -13.36 15.04
C ILE D 97 -6.01 -14.34 14.00
N ALA D 98 -6.91 -15.21 13.57
CA ALA D 98 -6.79 -16.10 12.41
C ALA D 98 -7.47 -15.57 11.16
N ALA D 99 -8.61 -14.92 11.31
CA ALA D 99 -9.35 -14.43 10.14
C ALA D 99 -10.27 -13.31 10.59
N ILE D 100 -10.64 -12.46 9.61
CA ILE D 100 -11.54 -11.36 9.85
C ILE D 100 -12.58 -11.31 8.74
N SER D 101 -13.80 -10.92 9.10
CA SER D 101 -14.82 -10.59 8.07
C SER D 101 -15.31 -9.19 8.35
N MET D 102 -15.60 -8.45 7.30
CA MET D 102 -16.12 -7.10 7.32
C MET D 102 -17.39 -7.08 6.46
N ALA D 103 -18.42 -6.50 7.02
CA ALA D 103 -19.69 -6.31 6.37
C ALA D 103 -20.39 -5.10 6.99
N ASN D 104 -21.11 -4.36 6.14
CA ASN D 104 -21.75 -3.12 6.56
C ASN D 104 -22.54 -3.36 7.83
N THR E 2 -3.29 -10.36 -27.13
CA THR E 2 -3.67 -9.89 -25.81
C THR E 2 -5.10 -9.37 -25.83
N PRO E 3 -5.89 -9.77 -24.84
CA PRO E 3 -7.29 -9.33 -24.81
C PRO E 3 -7.44 -7.86 -24.46
N GLN E 4 -8.58 -7.30 -24.83
CA GLN E 4 -8.86 -5.89 -24.56
C GLN E 4 -9.88 -5.68 -23.47
N ASN E 5 -10.47 -6.74 -22.92
CA ASN E 5 -11.48 -6.60 -21.89
C ASN E 5 -11.56 -7.94 -21.16
N ILE E 6 -12.28 -7.88 -20.05
CA ILE E 6 -12.33 -9.03 -19.15
C ILE E 6 -13.02 -10.21 -19.79
N THR E 7 -14.01 -9.96 -20.64
CA THR E 7 -14.77 -11.06 -21.25
C THR E 7 -13.90 -11.87 -22.18
N ASP E 8 -13.15 -11.15 -23.00
CA ASP E 8 -12.24 -11.84 -23.93
C ASP E 8 -11.12 -12.53 -23.20
N LEU E 9 -10.62 -11.91 -22.11
CA LEU E 9 -9.56 -12.53 -21.33
C LEU E 9 -10.08 -13.85 -20.76
N CYS E 10 -11.27 -13.83 -20.17
CA CYS E 10 -11.88 -14.97 -19.54
C CYS E 10 -11.97 -16.13 -20.50
N ALA E 11 -12.34 -15.83 -21.73
CA ALA E 11 -12.49 -16.88 -22.74
C ALA E 11 -11.18 -17.52 -23.21
N GLU E 12 -10.02 -17.02 -22.78
CA GLU E 12 -8.75 -17.65 -23.08
C GLU E 12 -8.40 -18.83 -22.17
N TYR E 13 -9.26 -19.14 -21.22
CA TYR E 13 -9.06 -20.16 -20.23
C TYR E 13 -10.18 -21.18 -20.20
N HIS E 14 -9.91 -22.45 -19.94
CA HIS E 14 -10.92 -23.45 -19.69
C HIS E 14 -11.48 -23.27 -18.29
N ASN E 15 -12.69 -23.75 -18.10
CA ASN E 15 -13.32 -23.80 -16.79
C ASN E 15 -13.63 -22.40 -16.26
N THR E 16 -13.93 -21.42 -17.12
CA THR E 16 -14.23 -20.09 -16.61
C THR E 16 -15.61 -19.62 -17.01
N GLN E 17 -16.10 -18.63 -16.28
CA GLN E 17 -17.36 -17.95 -16.53
C GLN E 17 -17.26 -16.50 -16.09
N ILE E 18 -17.99 -15.65 -16.77
CA ILE E 18 -18.22 -14.28 -16.34
C ILE E 18 -19.48 -14.12 -15.50
N HIS E 19 -19.35 -13.46 -14.37
CA HIS E 19 -20.47 -13.05 -13.53
C HIS E 19 -20.55 -11.54 -13.70
N THR E 20 -21.73 -11.07 -14.03
CA THR E 20 -21.95 -9.64 -14.13
C THR E 20 -22.67 -9.20 -12.89
N LEU E 21 -21.98 -8.41 -12.07
CA LEU E 21 -22.52 -8.02 -10.78
C LEU E 21 -23.09 -6.62 -10.73
N ASN E 22 -22.37 -5.64 -11.26
CA ASN E 22 -22.70 -4.26 -11.23
C ASN E 22 -23.16 -3.84 -9.84
N ASP E 23 -22.32 -4.18 -8.87
CA ASP E 23 -22.65 -3.88 -7.49
C ASP E 23 -21.35 -3.85 -6.67
N LYS E 24 -21.38 -3.16 -5.54
CA LYS E 24 -20.29 -3.15 -4.61
C LYS E 24 -20.20 -4.49 -3.89
N ILE E 25 -19.02 -4.76 -3.32
CA ILE E 25 -18.86 -5.97 -2.50
C ILE E 25 -19.62 -5.85 -1.21
N PHE E 26 -20.37 -6.89 -0.81
CA PHE E 26 -21.16 -6.89 0.40
C PHE E 26 -20.31 -7.28 1.63
N SER E 27 -19.41 -8.25 1.50
CA SER E 27 -18.54 -8.61 2.62
C SER E 27 -17.18 -9.05 2.07
N TYR E 28 -16.17 -8.83 2.90
CA TYR E 28 -14.80 -9.16 2.63
C TYR E 28 -14.26 -9.93 3.82
N THR E 29 -13.67 -11.08 3.60
CA THR E 29 -13.08 -11.96 4.57
C THR E 29 -11.65 -12.32 4.17
N GLU E 30 -10.73 -12.30 5.12
CA GLU E 30 -9.38 -12.80 4.77
C GLU E 30 -8.88 -13.58 6.01
N SER E 31 -8.03 -14.54 5.70
CA SER E 31 -7.50 -15.46 6.66
C SER E 31 -5.98 -15.60 6.58
N LEU E 32 -5.32 -15.68 7.73
CA LEU E 32 -3.91 -15.99 7.75
C LEU E 32 -3.65 -17.40 8.28
N ALA E 33 -4.68 -18.17 8.57
CA ALA E 33 -4.54 -19.51 9.11
C ALA E 33 -3.85 -20.42 8.13
N GLY E 34 -2.99 -21.29 8.67
CA GLY E 34 -2.15 -22.04 7.79
C GLY E 34 -2.93 -22.99 6.91
N LYS E 35 -2.59 -23.02 5.64
CA LYS E 35 -3.27 -23.76 4.59
C LYS E 35 -4.58 -23.10 4.18
N ARG E 36 -4.98 -22.01 4.80
CA ARG E 36 -6.18 -21.26 4.43
C ARG E 36 -5.85 -19.78 4.27
N GLU E 37 -4.69 -19.49 3.65
CA GLU E 37 -4.28 -18.09 3.43
C GLU E 37 -4.97 -17.55 2.18
N MET E 38 -6.19 -17.10 2.37
CA MET E 38 -7.14 -16.82 1.31
C MET E 38 -8.01 -15.62 1.63
N ALA E 39 -8.72 -15.16 0.60
CA ALA E 39 -9.77 -14.17 0.81
C ALA E 39 -11.09 -14.69 0.23
N ILE E 40 -12.18 -14.22 0.80
CA ILE E 40 -13.51 -14.59 0.33
C ILE E 40 -14.32 -13.27 0.25
N ILE E 41 -15.02 -13.08 -0.83
CA ILE E 41 -15.96 -11.96 -0.89
C ILE E 41 -17.35 -12.50 -1.21
N THR E 42 -18.35 -11.71 -0.79
CA THR E 42 -19.73 -11.99 -1.17
C THR E 42 -20.38 -10.72 -1.68
N PHE E 43 -21.45 -10.91 -2.44
CA PHE E 43 -22.33 -9.88 -2.91
C PHE E 43 -23.71 -9.99 -2.24
N LYS E 44 -24.51 -8.97 -2.44
CA LYS E 44 -25.78 -8.82 -1.79
C LYS E 44 -26.69 -10.00 -1.99
N ASN E 45 -26.64 -10.63 -3.15
CA ASN E 45 -27.48 -11.79 -3.44
C ASN E 45 -26.93 -13.07 -2.82
N GLY E 46 -25.85 -13.03 -2.05
CA GLY E 46 -25.26 -14.21 -1.43
C GLY E 46 -24.12 -14.84 -2.21
N ALA E 47 -23.95 -14.53 -3.48
CA ALA E 47 -22.92 -15.10 -4.31
C ALA E 47 -21.53 -14.87 -3.67
N THR E 48 -20.79 -15.94 -3.60
CA THR E 48 -19.52 -16.05 -2.90
C THR E 48 -18.38 -16.42 -3.83
N PHE E 49 -17.22 -15.78 -3.66
CA PHE E 49 -16.08 -15.97 -4.48
C PHE E 49 -14.83 -15.95 -3.63
N GLN E 50 -13.81 -16.69 -4.02
CA GLN E 50 -12.54 -16.75 -3.30
C GLN E 50 -11.38 -16.26 -4.17
N VAL E 51 -10.32 -15.80 -3.53
CA VAL E 51 -8.97 -15.80 -4.10
C VAL E 51 -8.31 -17.02 -3.47
N GLU E 52 -7.90 -17.95 -4.30
CA GLU E 52 -7.37 -19.22 -3.84
C GLU E 52 -6.08 -19.07 -3.05
N VAL E 53 -5.93 -20.02 -2.12
CA VAL E 53 -4.65 -20.23 -1.47
C VAL E 53 -3.59 -20.46 -2.54
N PRO E 54 -2.46 -19.78 -2.53
CA PRO E 54 -1.41 -20.05 -3.50
C PRO E 54 -0.95 -21.49 -3.40
N GLY E 55 -0.67 -22.18 -4.46
CA GLY E 55 -0.38 -23.55 -4.62
C GLY E 55 0.18 -23.96 -5.95
N SER E 56 0.27 -25.25 -6.14
CA SER E 56 0.96 -25.80 -7.28
C SER E 56 0.15 -25.55 -8.55
N GLN E 57 -1.14 -25.19 -8.52
CA GLN E 57 -1.92 -24.81 -9.71
C GLN E 57 -1.55 -23.41 -10.23
N HIS E 58 -0.64 -22.72 -9.51
CA HIS E 58 -0.19 -21.38 -9.92
C HIS E 58 1.23 -21.39 -10.41
N ILE E 59 1.44 -20.63 -11.48
CA ILE E 59 2.81 -20.44 -11.94
C ILE E 59 3.44 -19.25 -11.23
N ASP E 60 4.76 -19.12 -11.28
CA ASP E 60 5.47 -18.14 -10.48
C ASP E 60 4.99 -16.72 -10.72
N SER E 61 4.70 -16.40 -11.97
CA SER E 61 4.26 -15.05 -12.28
C SER E 61 2.93 -14.71 -11.65
N GLN E 62 2.13 -15.69 -11.27
CA GLN E 62 0.87 -15.40 -10.63
C GLN E 62 1.00 -15.03 -9.15
N LYS E 63 2.11 -15.32 -8.51
CA LYS E 63 2.16 -15.13 -7.05
C LYS E 63 1.96 -13.66 -6.70
N LYS E 64 2.64 -12.73 -7.37
CA LYS E 64 2.45 -11.32 -7.12
C LYS E 64 1.03 -10.84 -7.46
N ALA E 65 0.47 -11.42 -8.53
CA ALA E 65 -0.85 -11.02 -8.95
C ALA E 65 -1.91 -11.51 -7.98
N ILE E 66 -1.73 -12.66 -7.35
CA ILE E 66 -2.68 -13.08 -6.30
C ILE E 66 -2.68 -12.11 -5.15
N GLU E 67 -1.49 -11.69 -4.74
CA GLU E 67 -1.41 -10.73 -3.64
C GLU E 67 -2.04 -9.40 -4.04
N ARG E 68 -1.81 -8.94 -5.28
CA ARG E 68 -2.45 -7.73 -5.77
C ARG E 68 -3.96 -7.85 -5.75
N MET E 69 -4.49 -8.98 -6.17
CA MET E 69 -5.94 -9.12 -6.24
C MET E 69 -6.57 -8.97 -4.86
N LYS E 70 -5.93 -9.57 -3.85
CA LYS E 70 -6.45 -9.42 -2.50
C LYS E 70 -6.39 -7.96 -2.06
N ASP E 71 -5.33 -7.24 -2.43
CA ASP E 71 -5.27 -5.81 -2.17
C ASP E 71 -6.43 -5.08 -2.85
N THR E 72 -6.68 -5.43 -4.13
CA THR E 72 -7.75 -4.80 -4.90
C THR E 72 -9.12 -5.02 -4.28
N LEU E 73 -9.40 -6.27 -3.90
CA LEU E 73 -10.70 -6.56 -3.32
C LEU E 73 -10.88 -5.83 -1.98
N ARG E 74 -9.88 -5.74 -1.14
CA ARG E 74 -10.04 -5.05 0.13
C ARG E 74 -10.33 -3.56 -0.12
N ILE E 75 -9.57 -2.91 -1.00
CA ILE E 75 -9.80 -1.47 -1.15
C ILE E 75 -11.10 -1.24 -1.91
N ALA E 76 -11.48 -2.11 -2.86
CA ALA E 76 -12.76 -1.99 -3.49
C ALA E 76 -13.88 -2.07 -2.47
N TYR E 77 -13.80 -3.04 -1.56
CA TYR E 77 -14.79 -3.25 -0.49
C TYR E 77 -14.89 -1.96 0.34
N LEU E 78 -13.76 -1.46 0.83
CA LEU E 78 -13.75 -0.34 1.74
C LEU E 78 -14.22 0.96 1.10
N THR E 79 -13.97 1.13 -0.21
CA THR E 79 -14.39 2.33 -0.91
C THR E 79 -15.77 2.17 -1.53
N GLU E 80 -16.43 1.01 -1.39
CA GLU E 80 -17.75 0.74 -1.94
C GLU E 80 -17.75 0.89 -3.47
N ALA E 81 -16.64 0.51 -4.10
CA ALA E 81 -16.50 0.56 -5.53
C ALA E 81 -17.36 -0.48 -6.21
N LYS E 82 -18.09 -0.08 -7.26
CA LYS E 82 -18.89 -1.02 -7.98
C LYS E 82 -18.00 -1.98 -8.78
N VAL E 83 -18.27 -3.26 -8.58
CA VAL E 83 -17.67 -4.31 -9.36
C VAL E 83 -18.57 -4.51 -10.60
N GLU E 84 -18.00 -4.45 -11.78
CA GLU E 84 -18.74 -4.72 -13.00
C GLU E 84 -18.85 -6.23 -13.22
N LYS E 85 -17.75 -6.87 -13.53
CA LYS E 85 -17.69 -8.30 -13.78
C LYS E 85 -16.58 -8.96 -12.97
N LEU E 86 -16.80 -10.25 -12.73
CA LEU E 86 -15.77 -11.17 -12.26
C LEU E 86 -15.59 -12.28 -13.31
N CYS E 87 -14.37 -12.60 -13.64
CA CYS E 87 -14.07 -13.85 -14.35
C CYS E 87 -13.63 -14.86 -13.33
N VAL E 88 -14.28 -16.01 -13.26
CA VAL E 88 -14.01 -16.99 -12.24
C VAL E 88 -13.82 -18.36 -12.90
N TRP E 89 -13.06 -19.16 -12.16
CA TRP E 89 -12.96 -20.60 -12.47
C TRP E 89 -14.11 -21.27 -11.76
N ASN E 90 -14.85 -22.05 -12.52
CA ASN E 90 -16.03 -22.73 -12.03
C ASN E 90 -15.76 -24.18 -11.59
N ASN E 91 -14.52 -24.59 -11.63
CA ASN E 91 -14.12 -25.91 -11.11
C ASN E 91 -13.60 -25.86 -9.67
N LYS E 92 -13.94 -24.79 -8.95
CA LYS E 92 -13.60 -24.61 -7.55
C LYS E 92 -14.83 -24.11 -6.81
N THR E 93 -14.93 -24.41 -5.53
CA THR E 93 -15.93 -23.95 -4.58
C THR E 93 -15.27 -23.34 -3.37
N PRO E 94 -15.46 -22.06 -2.99
CA PRO E 94 -16.13 -21.04 -3.78
C PRO E 94 -15.51 -20.82 -5.18
N ARG E 95 -16.33 -20.27 -6.06
CA ARG E 95 -15.80 -19.94 -7.41
C ARG E 95 -14.55 -19.09 -7.23
N ALA E 96 -13.50 -19.37 -8.00
CA ALA E 96 -12.18 -18.76 -7.82
C ALA E 96 -11.96 -17.59 -8.79
N ILE E 97 -11.62 -16.43 -8.23
CA ILE E 97 -11.45 -15.24 -9.06
C ILE E 97 -10.19 -15.31 -9.88
N ALA E 98 -10.36 -15.10 -11.20
CA ALA E 98 -9.26 -14.94 -12.14
C ALA E 98 -9.02 -13.49 -12.53
N ALA E 99 -10.09 -12.72 -12.61
CA ALA E 99 -9.97 -11.30 -13.03
C ALA E 99 -11.19 -10.55 -12.50
N ILE E 100 -11.05 -9.22 -12.40
CA ILE E 100 -12.10 -8.35 -11.95
C ILE E 100 -12.12 -7.10 -12.84
N SER E 101 -13.32 -6.59 -13.10
CA SER E 101 -13.44 -5.28 -13.74
C SER E 101 -14.33 -4.41 -12.82
N MET E 102 -13.98 -3.13 -12.76
CA MET E 102 -14.68 -2.14 -12.01
C MET E 102 -15.07 -0.99 -12.95
N ALA E 103 -16.35 -0.59 -12.86
CA ALA E 103 -16.89 0.51 -13.64
C ALA E 103 -18.12 1.01 -12.87
N ASN E 104 -18.41 2.28 -12.94
CA ASN E 104 -19.58 2.79 -12.22
C ASN E 104 -20.85 2.49 -12.99
O4 GLC F . 17.87 -1.49 -31.34
C1 GAL F . 17.85 -1.16 -29.94
C2 GAL F . 16.67 -0.21 -29.76
C3 GAL F . 16.38 0.12 -28.31
C4 GAL F . 16.34 -1.15 -27.46
C5 GAL F . 17.47 -2.09 -27.77
C6 GAL F . 17.18 -3.43 -27.09
O2 GAL F . 16.91 0.94 -30.56
O3 GAL F . 15.10 0.70 -28.17
O4 GAL F . 15.17 -1.89 -27.77
O5 GAL F . 17.59 -2.33 -29.17
O6 GAL F . 16.53 -4.30 -27.99
C1 NGA F . 14.33 -2.16 -26.66
C2 NGA F . 12.97 -2.46 -27.32
C3 NGA F . 12.00 -2.86 -26.27
C4 NGA F . 12.52 -4.01 -25.39
C5 NGA F . 13.84 -3.56 -24.82
C6 NGA F . 14.41 -4.42 -23.72
C7 NGA F . 12.31 -1.51 -29.44
C8 NGA F . 12.08 -0.22 -30.22
N2 NGA F . 12.65 -1.32 -28.16
O3 NGA F . 10.79 -3.32 -26.88
O4 NGA F . 12.65 -5.16 -26.21
O5 NGA F . 14.75 -3.28 -25.89
O6 NGA F . 15.29 -3.62 -22.96
O7 NGA F . 12.25 -2.69 -29.85
C1 GAL F . 9.71 -2.60 -26.30
C2 GAL F . 8.45 -2.95 -27.06
C3 GAL F . 7.27 -2.19 -26.48
C4 GAL F . 7.25 -2.27 -24.96
C5 GAL F . 8.62 -2.00 -24.32
C6 GAL F . 8.66 -2.25 -22.82
O2 GAL F . 8.63 -2.65 -28.42
O3 GAL F . 6.08 -2.65 -27.08
O4 GAL F . 6.93 -3.59 -24.60
O5 GAL F . 9.60 -2.89 -24.90
O6 GAL F . 9.96 -2.05 -22.29
C1 SIA F . 13.34 1.95 -27.25
C2 SIA F . 14.86 1.76 -27.26
C3 SIA F . 15.44 3.10 -27.74
C4 SIA F . 14.98 4.20 -26.79
C5 SIA F . 15.57 3.92 -25.41
C6 SIA F . 15.06 2.55 -24.97
C7 SIA F . 15.69 2.08 -23.65
C8 SIA F . 15.08 0.73 -23.27
C9 SIA F . 15.57 0.38 -21.88
C10 SIA F . 16.07 5.36 -23.48
C11 SIA F . 15.51 6.53 -22.65
N5 SIA F . 15.29 5.00 -24.49
O1A SIA F . 12.64 1.09 -26.70
O1B SIA F . 12.94 2.98 -27.82
O4 SIA F . 15.42 5.46 -27.25
O6 SIA F . 15.32 1.53 -25.95
O7 SIA F . 17.10 1.90 -23.79
O8 SIA F . 13.67 0.76 -23.33
O9 SIA F . 14.98 -0.84 -21.50
O10 SIA F . 17.14 4.69 -23.33
C2 BGC G . 37.15 11.15 -1.97
C3 BGC G . 35.71 11.63 -2.06
C4 BGC G . 35.22 11.97 -0.63
C5 BGC G . 36.17 13.03 -0.05
C6 BGC G . 35.80 13.33 1.41
C1 BGC G . 38.02 12.22 -1.31
O1 BGC G . 39.33 11.71 -1.13
O2 BGC G . 37.70 10.79 -3.23
O3 BGC G . 34.90 10.64 -2.67
O4 BGC G . 33.91 12.51 -0.72
O5 BGC G . 37.47 12.44 -0.01
O6 BGC G . 36.59 14.45 1.88
C1 GAL G . 32.88 11.84 -0.03
C2 GAL G . 31.66 12.72 0.05
C3 GAL G . 30.44 11.99 0.57
C4 GAL G . 30.25 10.64 -0.13
C5 GAL G . 31.54 9.84 -0.05
C6 GAL G . 31.52 8.49 -0.67
O2 GAL G . 31.95 13.86 0.83
O3 GAL G . 29.36 12.88 0.31
O4 GAL G . 29.95 10.92 -1.50
O5 GAL G . 32.58 10.62 -0.69
O6 GAL G . 32.70 7.73 -0.34
C1 NGA G . 28.61 10.52 -1.85
C2 NGA G . 28.14 11.32 -3.07
C3 NGA G . 26.77 10.80 -3.53
C4 NGA G . 26.82 9.30 -3.75
C5 NGA G . 27.38 8.63 -2.48
C6 NGA G . 27.47 7.11 -2.65
C7 NGA G . 29.00 13.64 -3.13
C8 NGA G . 28.93 15.01 -2.43
N2 NGA G . 28.15 12.72 -2.65
O3 NGA G . 26.36 11.45 -4.76
O4 NGA G . 27.64 8.94 -4.85
O5 NGA G . 28.71 9.13 -2.22
O6 NGA G . 27.89 6.54 -1.42
O7 NGA G . 29.80 13.35 -4.04
C1 GAL G . 25.08 12.07 -4.72
C2 GAL G . 24.77 12.84 -6.00
C3 GAL G . 23.39 13.45 -5.96
C4 GAL G . 22.36 12.38 -5.64
C5 GAL G . 22.79 11.57 -4.41
C6 GAL G . 21.81 10.45 -4.09
O2 GAL G . 25.73 13.89 -6.15
O3 GAL G . 23.09 14.09 -7.18
O4 GAL G . 22.18 11.55 -6.78
O5 GAL G . 24.11 11.01 -4.55
O6 GAL G . 22.13 9.72 -2.91
C1 SIA G . 27.27 13.80 0.63
C2 SIA G . 28.39 13.04 1.33
C3 SIA G . 28.87 13.80 2.53
C4 SIA G . 27.76 13.91 3.59
C5 SIA G . 27.17 12.51 3.89
C6 SIA G . 26.76 11.83 2.60
C7 SIA G . 26.27 10.39 2.76
C8 SIA G . 26.22 9.79 1.33
C9 SIA G . 25.50 8.46 1.43
C10 SIA G . 25.77 11.70 5.81
C11 SIA G . 24.61 12.16 6.71
N5 SIA G . 26.11 12.62 4.88
O1A SIA G . 26.59 13.14 -0.19
O1B SIA G . 27.13 15.02 0.87
O4 SIA G . 28.38 14.36 4.80
O6 SIA G . 27.89 11.74 1.69
O7 SIA G . 27.16 9.59 3.54
O8 SIA G . 25.43 10.64 0.52
O9 SIA G . 25.46 7.74 0.24
O10 SIA G . 26.36 10.58 5.91
O4 GLC H . 22.18 -7.15 27.71
C1 GAL H . 21.05 -7.62 26.94
C2 GAL H . 20.00 -6.52 26.94
C3 GAL H . 18.89 -6.79 25.94
C4 GAL H . 19.50 -7.06 24.56
C5 GAL H . 20.52 -8.19 24.63
C6 GAL H . 21.26 -8.34 23.30
O2 GAL H . 19.43 -6.37 28.23
O3 GAL H . 18.02 -5.68 25.94
O4 GAL H . 20.08 -5.90 24.02
O5 GAL H . 21.49 -7.93 25.63
O6 GAL H . 21.98 -9.54 23.23
C1 NGA H . 19.40 -5.27 22.91
C2 NGA H . 19.66 -3.75 22.96
C3 NGA H . 19.04 -3.07 21.74
C4 NGA H . 19.58 -3.75 20.46
C5 NGA H . 19.29 -5.24 20.56
C6 NGA H . 19.65 -5.96 19.28
C7 NGA H . 19.77 -2.46 25.06
C8 NGA H . 18.93 -2.20 26.32
N2 NGA H . 19.13 -3.27 24.20
O3 NGA H . 19.47 -1.71 21.69
O4 NGA H . 20.98 -3.51 20.43
O5 NGA H . 19.97 -5.78 21.69
O6 NGA H . 18.89 -5.42 18.21
O7 NGA H . 20.91 -2.07 24.74
C1 GAL H . 18.39 -0.82 21.40
C2 GAL H . 18.75 0.65 21.53
C3 GAL H . 17.58 1.55 21.22
C4 GAL H . 16.89 1.11 19.94
C5 GAL H . 16.64 -0.40 19.88
C6 GAL H . 16.16 -0.80 18.50
O2 GAL H . 19.32 0.89 22.81
O3 GAL H . 17.92 2.94 21.15
O4 GAL H . 17.67 1.44 18.82
O5 GAL H . 17.90 -1.06 20.07
O6 GAL H . 15.75 -2.13 18.43
C1 SIA H . 16.06 -4.43 25.68
C2 SIA H . 16.61 -5.84 25.83
C3 SIA H . 16.04 -6.50 27.05
C4 SIA H . 14.61 -6.97 26.90
C5 SIA H . 14.24 -7.57 25.56
C6 SIA H . 14.88 -6.80 24.42
C7 SIA H . 14.74 -7.57 23.09
C8 SIA H . 15.63 -6.89 22.06
C9 SIA H . 15.37 -7.44 20.67
C10 SIA H . 12.08 -8.54 24.94
C11 SIA H . 10.57 -8.25 24.96
N5 SIA H . 12.79 -7.54 25.46
O1A SIA H . 16.31 -3.83 24.60
O1B SIA H . 15.41 -3.90 26.59
O4 SIA H . 14.23 -7.82 27.95
O6 SIA H . 16.27 -6.55 24.64
O7 SIA H . 15.14 -8.92 23.33
O8 SIA H . 15.41 -5.49 22.06
O9 SIA H . 16.20 -6.85 19.70
O10 SIA H . 12.72 -9.55 24.55
C2 BGC I . -1.90 -35.53 17.55
C3 BGC I . -1.08 -34.46 16.84
C4 BGC I . -1.79 -33.11 17.02
C5 BGC I . -1.92 -32.85 18.52
C6 BGC I . -2.53 -31.48 18.83
C1 BGC I . -2.20 -35.20 19.00
O1 BGC I . -3.21 -36.09 19.51
O2 BGC I . -1.18 -36.74 17.41
O3 BGC I . -0.92 -34.77 15.48
O4 BGC I . -0.88 -32.12 16.54
O5 BGC I . -2.75 -33.89 19.06
O6 BGC I . -3.82 -31.33 18.29
C1 GAL I . -1.15 -31.61 15.24
C2 GAL I . -2.15 -30.46 15.29
C3 GAL I . -2.20 -29.73 13.93
C4 GAL I . -0.77 -29.26 13.58
C5 GAL I . 0.11 -30.50 13.52
C6 GAL I . 1.55 -30.14 13.17
O2 GAL I . -3.45 -31.01 15.55
O3 GAL I . -2.99 -28.56 14.16
O4 GAL I . -0.32 -28.43 14.66
O5 GAL I . 0.11 -31.07 14.83
O6 GAL I . 2.46 -31.25 13.26
C1 NGA I . -0.10 -27.05 14.40
C2 NGA I . -0.30 -26.20 15.67
C3 NGA I . -0.08 -24.76 15.25
C4 NGA I . 1.27 -24.55 14.54
C5 NGA I . 1.43 -25.48 13.36
C6 NGA I . 2.72 -25.49 12.59
C7 NGA I . -1.89 -27.00 17.36
C8 NGA I . -3.35 -27.42 17.53
N2 NGA I . -1.64 -26.51 16.15
O3 NGA I . -0.10 -23.97 16.44
O4 NGA I . 2.30 -24.71 15.51
O5 NGA I . 1.20 -26.82 13.84
O6 NGA I . 3.16 -24.19 12.20
O7 NGA I . -0.99 -27.17 18.24
C1 GAL I . -1.04 -22.94 16.35
C2 GAL I . -1.18 -22.31 17.72
C3 GAL I . -2.13 -21.14 17.64
C4 GAL I . -1.61 -20.14 16.57
C5 GAL I . -1.39 -20.88 15.26
C6 GAL I . -0.74 -20.00 14.20
O2 GAL I . -1.67 -23.27 18.66
O3 GAL I . -2.17 -20.49 18.88
O4 GAL I . -0.41 -19.56 16.98
O5 GAL I . -0.48 -21.98 15.43
O6 GAL I . -0.64 -20.66 12.94
C1 SIA I . -4.58 -26.85 13.85
C2 SIA I . -3.96 -28.10 13.23
C3 SIA I . -5.06 -29.07 12.90
C4 SIA I . -5.97 -28.60 11.78
C5 SIA I . -5.19 -28.03 10.58
C6 SIA I . -4.11 -27.05 11.05
C7 SIA I . -3.15 -26.57 9.95
C8 SIA I . -1.92 -25.94 10.65
C9 SIA I . -1.10 -25.20 9.59
C10 SIA I . -6.03 -27.38 8.36
C11 SIA I . -7.20 -26.72 7.61
N5 SIA I . -6.17 -27.43 9.69
O1A SIA I . -3.79 -25.84 13.97
O1B SIA I . -5.77 -26.94 14.23
O4 SIA I . -6.78 -29.69 11.31
O6 SIA I . -3.30 -27.71 12.04
O7 SIA I . -2.60 -27.70 9.21
O8 SIA I . -2.38 -24.99 11.57
O9 SIA I . 0.18 -24.85 10.06
O10 SIA I . -5.00 -27.85 7.78
C2 BGC J . -4.70 -32.04 -22.98
C3 BGC J . -3.92 -31.26 -21.93
C4 BGC J . -4.84 -30.24 -21.24
C5 BGC J . -6.05 -30.98 -20.66
C6 BGC J . -7.02 -30.13 -19.84
C1 BGC J . -6.00 -32.65 -22.48
O1 BGC J . -6.87 -33.06 -23.54
O2 BGC J . -3.89 -33.06 -23.56
O3 BGC J . -2.84 -30.55 -22.55
O4 BGC J . -4.15 -29.68 -20.13
O5 BGC J . -6.69 -31.79 -21.61
O6 BGC J . -7.58 -29.08 -20.58
C1 GAL J . -3.51 -28.41 -20.26
C2 GAL J . -4.50 -27.31 -19.95
C3 GAL J . -3.83 -25.95 -19.71
C4 GAL J . -2.73 -26.14 -18.67
C5 GAL J . -1.76 -27.22 -19.12
C6 GAL J . -0.67 -27.44 -18.07
O2 GAL J . -5.38 -27.14 -21.06
O3 GAL J . -4.86 -25.12 -19.15
O4 GAL J . -3.28 -26.58 -17.44
O5 GAL J . -2.51 -28.43 -19.25
O6 GAL J . 0.36 -28.27 -18.60
C1 NGA J . -3.23 -25.61 -16.41
C2 NGA J . -4.41 -25.88 -15.47
C3 NGA J . -4.29 -24.97 -14.28
C4 NGA J . -2.92 -25.00 -13.60
C5 NGA J . -1.85 -24.75 -14.65
C6 NGA J . -0.45 -24.79 -14.08
C7 NGA J . -6.47 -26.80 -16.40
C8 NGA J . -7.52 -26.50 -17.48
N2 NGA J . -5.58 -25.78 -16.30
O3 NGA J . -5.30 -25.24 -13.31
O4 NGA J . -2.73 -26.21 -12.90
O5 NGA J . -2.00 -25.74 -15.68
O6 NGA J . 0.44 -25.43 -14.95
O7 NGA J . -6.36 -27.86 -15.71
C1 GAL J . -6.14 -24.15 -13.06
C2 GAL J . -7.29 -24.61 -12.20
C3 GAL J . -8.19 -23.46 -11.79
C4 GAL J . -7.33 -22.39 -11.14
C5 GAL J . -6.16 -22.02 -12.03
C6 GAL J . -5.18 -21.08 -11.38
O2 GAL J . -8.03 -25.63 -12.82
O3 GAL J . -9.18 -23.93 -10.89
O4 GAL J . -6.86 -22.83 -9.88
O5 GAL J . -5.39 -23.20 -12.28
O6 GAL J . -4.14 -20.64 -12.22
C1 SIA J . -6.05 -23.17 -18.77
C2 SIA J . -4.93 -23.79 -19.60
C3 SIA J . -5.26 -23.65 -21.07
C4 SIA J . -5.38 -22.17 -21.47
C5 SIA J . -4.10 -21.42 -21.07
C6 SIA J . -3.83 -21.67 -19.59
C7 SIA J . -2.54 -21.01 -19.11
C8 SIA J . -2.27 -21.53 -17.70
C9 SIA J . -1.11 -20.78 -17.09
C10 SIA J . -3.36 -19.12 -21.66
C11 SIA J . -3.93 -17.74 -21.97
N5 SIA J . -4.30 -20.02 -21.42
O1A SIA J . -5.74 -22.94 -17.58
O1B SIA J . -7.16 -23.01 -19.33
O4 SIA J . -5.39 -22.14 -22.90
O6 SIA J . -3.72 -23.09 -19.32
O7 SIA J . -1.42 -21.31 -19.96
O8 SIA J . -3.46 -21.41 -16.95
O9 SIA J . -0.59 -21.38 -15.92
O10 SIA J . -2.14 -19.45 -21.59
UNK UNX K . 6.37 10.18 -28.34
UNK UNX L . 21.06 22.26 2.57
UNK UNX M . 8.15 2.03 29.35
UNK UNX N . -14.39 -22.33 15.47
O1 MES O . -10.48 -22.70 27.03
C2 MES O . -9.40 -23.38 27.66
C3 MES O . -8.59 -22.37 28.46
N4 MES O . -7.96 -21.39 27.50
C5 MES O . -9.08 -20.72 26.71
C6 MES O . -9.96 -21.77 26.06
C7 MES O . -7.10 -20.34 28.16
C8 MES O . -6.11 -19.73 27.17
S MES O . -5.14 -18.49 27.97
O1S MES O . -6.04 -17.47 28.49
O2S MES O . -4.21 -17.96 26.96
O3S MES O . -4.44 -19.17 29.06
O1 MES P . -25.75 -2.49 17.21
C2 MES P . -26.25 -1.16 17.01
C3 MES P . -25.30 -0.17 17.67
N4 MES P . -25.28 -0.47 19.15
C5 MES P . -24.89 -1.93 19.39
C6 MES P . -25.91 -2.78 18.62
C7 MES P . -24.24 0.46 19.80
C8 MES P . -24.57 0.48 21.28
S MES P . -23.42 1.53 22.18
O1S MES P . -22.10 0.91 22.04
O2S MES P . -23.91 1.43 23.56
O3S MES P . -23.48 2.84 21.59
UNK UNX Q . -15.30 -17.38 -20.05
#